data_8P01
#
_entry.id   8P01
#
_cell.length_a   89.698
_cell.length_b   77.593
_cell.length_c   35.975
_cell.angle_alpha   90
_cell.angle_beta   98.08
_cell.angle_gamma   90
#
_symmetry.space_group_name_H-M   'C 1 2 1'
#
loop_
_entity.id
_entity.type
_entity.pdbx_description
1 polymer 'Stimulator of interferon genes protein'
2 non-polymer 3-[(1~{R},3~{R},6~{R},8~{R},9~{R},10~{R},12~{R},15~{R},17~{R},18~{R})-8-(6-aminopurin-9-yl)-9-fluoranyl-18-oxidanyl-3,12-bis(oxidanylidene)-3,12-bis(sulfanyl)-2,4,7,11,13,16-hexaoxa-3$l^{5},12$l^{5}-diphosphatricyclo[13.2.1.0^{6,10}]octadecan-17-yl]-6~{H}-imidazo[4,5-d]pyridazin-7-one
3 water water
#
_entity_poly.entity_id   1
_entity_poly.type   'polypeptide(L)'
_entity_poly.pdbx_seq_one_letter_code
;MHHHHHHHHENLYFQSGEKGNFNVAHGLAWSYYIGYLRLILPELQARIRTYNQHYNNLLRGAVSQRLYILLPLDCGVPDN
LSMADPNIRFLDKLPQQTGDRAGIKDRVYSNSIYELLENGQRAGTCVLEYATPLQTLFAMSQYSQAGFSREDRLEQAKLF
CRTLEDILADAPESQNNCRLIAYQEPADDSSFSLSQEVLRHLRQEEKEEVTVGSLKTSAVPSTSTMSQEPELLISGMEKP
LPLRTDFS
;
_entity_poly.pdbx_strand_id   A
#
loop_
_chem_comp.id
_chem_comp.type
_chem_comp.name
_chem_comp.formula
W78 non-polymer 3-[(1~{R},3~{R},6~{R},8~{R},9~{R},10~{R},12~{R},15~{R},17~{R},18~{R})-8-(6-aminopurin-9-yl)-9-fluoranyl-18-oxidanyl-3,12-bis(oxidanylidene)-3,12-bis(sulfanyl)-2,4,7,11,13,16-hexaoxa-3$l^{5},12$l^{5}-diphosphatricyclo[13.2.1.0^{6,10}]octadecan-17-yl]-6~{H}-imidazo[4,5-d]pyridazin-7-one 'C20 H22 F N9 O10 P2 S2'
#
# COMPACT_ATOMS: atom_id res chain seq x y z
N ASN A 21 17.28 17.28 4.44
CA ASN A 21 15.85 17.26 4.76
C ASN A 21 15.44 15.89 5.34
N PHE A 22 16.22 15.36 6.30
CA PHE A 22 15.93 14.07 6.93
C PHE A 22 14.51 14.02 7.52
N ASN A 23 14.12 15.09 8.24
CA ASN A 23 12.86 15.18 8.96
C ASN A 23 11.56 15.11 8.13
N VAL A 24 11.57 15.41 6.80
CA VAL A 24 10.32 15.35 6.02
C VAL A 24 9.86 13.87 5.89
N ALA A 25 10.71 12.98 5.36
CA ALA A 25 10.37 11.56 5.21
C ALA A 25 10.15 10.84 6.54
N HIS A 26 10.95 11.18 7.56
CA HIS A 26 10.82 10.62 8.91
C HIS A 26 9.44 10.96 9.48
N GLY A 27 9.05 12.23 9.36
CA GLY A 27 7.76 12.73 9.81
C GLY A 27 6.59 12.18 9.03
N LEU A 28 6.77 11.93 7.73
CA LEU A 28 5.70 11.35 6.92
C LEU A 28 5.53 9.86 7.21
N ALA A 29 6.63 9.12 7.46
CA ALA A 29 6.55 7.70 7.78
C ALA A 29 5.84 7.49 9.12
N TRP A 30 6.17 8.29 10.13
CA TRP A 30 5.51 8.22 11.44
C TRP A 30 4.03 8.56 11.33
N SER A 31 3.67 9.50 10.44
CA SER A 31 2.29 9.86 10.19
C SER A 31 1.53 8.70 9.56
N TYR A 32 2.08 8.10 8.49
CA TYR A 32 1.49 6.95 7.80
C TYR A 32 1.20 5.80 8.78
N TYR A 33 2.06 5.61 9.79
CA TYR A 33 1.84 4.60 10.81
C TYR A 33 0.76 5.03 11.80
N ILE A 34 0.93 6.19 12.46
CA ILE A 34 0.00 6.61 13.49
C ILE A 34 -1.44 6.84 12.95
N GLY A 35 -1.60 7.70 11.98
CA GLY A 35 -2.93 8.01 11.44
C GLY A 35 -3.49 7.04 10.42
N TYR A 36 -2.83 5.88 10.18
CA TYR A 36 -3.37 4.93 9.20
C TYR A 36 -3.08 3.43 9.52
N LEU A 37 -1.81 2.97 9.47
CA LEU A 37 -1.53 1.54 9.64
C LEU A 37 -1.81 1.02 11.05
N ARG A 38 -1.50 1.79 12.12
CA ARG A 38 -1.82 1.32 13.47
C ARG A 38 -3.35 1.25 13.73
N LEU A 39 -4.18 1.93 12.89
CA LEU A 39 -5.62 1.95 13.02
C LEU A 39 -6.31 0.87 12.19
N ILE A 40 -5.82 0.62 10.95
CA ILE A 40 -6.45 -0.37 10.06
C ILE A 40 -5.86 -1.80 10.12
N LEU A 41 -4.56 -1.97 10.46
CA LEU A 41 -3.95 -3.31 10.48
C LEU A 41 -4.52 -4.22 11.60
N PRO A 42 -4.81 -3.74 12.84
CA PRO A 42 -5.41 -4.64 13.86
C PRO A 42 -6.77 -5.22 13.46
N GLU A 43 -7.55 -4.51 12.63
CA GLU A 43 -8.87 -4.96 12.17
C GLU A 43 -8.87 -5.45 10.70
N LEU A 44 -7.70 -5.57 10.05
CA LEU A 44 -7.61 -6.00 8.65
C LEU A 44 -7.90 -7.50 8.47
N GLN A 45 -7.43 -8.37 9.40
CA GLN A 45 -7.67 -9.81 9.34
C GLN A 45 -9.17 -10.10 9.38
N ALA A 46 -9.92 -9.39 10.25
CA ALA A 46 -11.37 -9.55 10.35
C ALA A 46 -12.09 -9.12 9.06
N ARG A 47 -11.63 -8.04 8.42
CA ARG A 47 -12.24 -7.55 7.19
C ARG A 47 -12.04 -8.52 6.02
N ILE A 48 -10.85 -9.14 5.93
CA ILE A 48 -10.54 -10.11 4.86
C ILE A 48 -11.32 -11.39 5.13
N ARG A 49 -11.34 -11.86 6.39
CA ARG A 49 -12.12 -13.04 6.82
C ARG A 49 -13.62 -12.82 6.47
N THR A 50 -14.16 -11.62 6.72
CA THR A 50 -15.56 -11.30 6.40
C THR A 50 -15.81 -11.33 4.89
N TYR A 51 -14.88 -10.75 4.10
CA TYR A 51 -15.01 -10.78 2.64
C TYR A 51 -15.01 -12.22 2.13
N ASN A 52 -13.98 -13.01 2.47
CA ASN A 52 -13.84 -14.41 2.04
C ASN A 52 -15.04 -15.30 2.40
N GLN A 53 -15.71 -15.04 3.53
CA GLN A 53 -16.84 -15.86 3.99
C GLN A 53 -18.22 -15.40 3.50
N HIS A 54 -18.43 -14.11 3.21
CA HIS A 54 -19.77 -13.62 2.84
C HIS A 54 -19.88 -12.84 1.51
N TYR A 55 -18.81 -12.19 1.03
CA TYR A 55 -18.89 -11.38 -0.20
C TYR A 55 -18.07 -11.94 -1.37
N ASN A 56 -17.04 -12.74 -1.09
CA ASN A 56 -16.18 -13.32 -2.11
C ASN A 56 -16.93 -14.42 -2.87
N ASN A 57 -16.68 -14.58 -4.18
CA ASN A 57 -17.32 -15.63 -4.98
C ASN A 57 -16.80 -16.96 -4.46
N LEU A 58 -17.73 -17.89 -4.19
CA LEU A 58 -17.41 -19.21 -3.63
C LEU A 58 -16.47 -20.01 -4.51
N LEU A 59 -16.42 -19.73 -5.82
CA LEU A 59 -15.59 -20.52 -6.73
C LEU A 59 -14.19 -19.93 -6.91
N ARG A 60 -14.03 -18.60 -6.85
CA ARG A 60 -12.71 -17.98 -7.03
C ARG A 60 -11.77 -18.26 -5.83
N GLY A 61 -10.48 -17.97 -6.00
CA GLY A 61 -9.49 -18.16 -4.95
C GLY A 61 -9.69 -17.20 -3.80
N ALA A 62 -9.24 -17.59 -2.60
CA ALA A 62 -9.39 -16.73 -1.43
C ALA A 62 -8.48 -15.52 -1.51
N VAL A 63 -8.94 -14.40 -0.92
CA VAL A 63 -8.15 -13.18 -0.87
C VAL A 63 -7.05 -13.43 0.15
N SER A 64 -5.80 -13.23 -0.25
CA SER A 64 -4.67 -13.45 0.65
C SER A 64 -4.69 -12.51 1.85
N GLN A 65 -4.11 -12.97 2.98
CA GLN A 65 -4.00 -12.14 4.18
C GLN A 65 -2.86 -11.12 3.94
N ARG A 66 -2.83 -10.04 4.74
CA ARG A 66 -1.84 -8.96 4.66
C ARG A 66 -2.20 -7.87 3.67
N LEU A 67 -1.82 -6.64 4.00
CA LEU A 67 -2.01 -5.46 3.15
C LEU A 67 -0.69 -5.30 2.43
N TYR A 68 -0.73 -5.33 1.10
CA TYR A 68 0.49 -5.18 0.30
C TYR A 68 0.62 -3.69 -0.12
N ILE A 69 1.69 -3.03 0.34
CA ILE A 69 1.94 -1.61 0.10
C ILE A 69 3.05 -1.43 -0.94
N LEU A 70 2.72 -0.85 -2.10
CA LEU A 70 3.67 -0.61 -3.16
C LEU A 70 4.43 0.67 -2.84
N LEU A 71 5.77 0.60 -2.85
CA LEU A 71 6.64 1.71 -2.52
C LEU A 71 7.58 2.02 -3.69
N PRO A 72 7.10 2.69 -4.77
CA PRO A 72 8.01 3.03 -5.87
C PRO A 72 8.97 4.12 -5.38
N LEU A 73 10.29 3.86 -5.48
CA LEU A 73 11.30 4.83 -5.03
C LEU A 73 11.41 6.05 -5.96
N ASP A 74 10.91 5.94 -7.19
CA ASP A 74 10.80 7.07 -8.11
C ASP A 74 9.57 7.98 -7.76
N CYS A 75 8.74 7.60 -6.73
CA CYS A 75 7.51 8.27 -6.28
C CYS A 75 6.44 8.43 -7.38
N GLY A 76 6.46 7.55 -8.39
CA GLY A 76 5.47 7.55 -9.45
C GLY A 76 4.27 6.76 -8.96
N VAL A 77 3.28 7.47 -8.39
CA VAL A 77 2.09 6.86 -7.80
C VAL A 77 0.82 7.19 -8.62
N PRO A 78 0.40 6.35 -9.60
CA PRO A 78 -0.85 6.62 -10.30
C PRO A 78 -2.08 6.37 -9.41
N ASP A 79 -3.20 7.02 -9.73
CA ASP A 79 -4.44 6.84 -8.96
C ASP A 79 -5.12 5.47 -9.22
N ASN A 80 -4.80 4.82 -10.35
CA ASN A 80 -5.35 3.51 -10.73
C ASN A 80 -4.18 2.58 -11.11
N LEU A 81 -4.17 1.36 -10.54
CA LEU A 81 -3.09 0.38 -10.77
C LEU A 81 -3.11 -0.26 -12.16
N SER A 82 -4.27 -0.33 -12.83
CA SER A 82 -4.36 -0.90 -14.18
C SER A 82 -3.55 -0.10 -15.23
N MET A 83 -3.30 1.21 -14.95
CA MET A 83 -2.47 2.05 -15.81
C MET A 83 -0.98 1.65 -15.65
N ALA A 84 -0.52 1.48 -14.39
CA ALA A 84 0.86 1.10 -14.06
C ALA A 84 1.27 -0.24 -14.68
N ASP A 85 0.36 -1.23 -14.68
CA ASP A 85 0.64 -2.53 -15.29
C ASP A 85 -0.70 -3.16 -15.72
N PRO A 86 -0.87 -3.65 -16.97
CA PRO A 86 -2.17 -4.22 -17.36
C PRO A 86 -2.60 -5.48 -16.58
N ASN A 87 -1.64 -6.29 -16.12
CA ASN A 87 -1.95 -7.54 -15.40
C ASN A 87 -2.47 -7.34 -13.95
N ILE A 88 -2.80 -6.10 -13.53
CA ILE A 88 -3.34 -5.85 -12.19
C ILE A 88 -4.71 -5.19 -12.37
N ARG A 89 -5.76 -6.01 -12.42
CA ARG A 89 -7.14 -5.55 -12.63
C ARG A 89 -7.86 -5.47 -11.27
N PHE A 90 -8.71 -4.45 -11.09
CA PHE A 90 -9.49 -4.26 -9.87
C PHE A 90 -10.57 -5.34 -9.77
N LEU A 91 -10.63 -6.05 -8.62
CA LEU A 91 -11.61 -7.11 -8.40
C LEU A 91 -12.84 -6.53 -7.65
N ASP A 92 -12.66 -6.07 -6.39
CA ASP A 92 -13.76 -5.56 -5.54
C ASP A 92 -13.18 -4.79 -4.32
N LYS A 93 -14.03 -4.21 -3.46
CA LYS A 93 -13.59 -3.50 -2.26
C LYS A 93 -13.78 -4.38 -1.03
N LEU A 94 -13.00 -4.14 0.03
CA LEU A 94 -13.17 -4.84 1.30
C LEU A 94 -14.37 -4.19 2.06
N PRO A 95 -14.96 -4.81 3.13
CA PRO A 95 -16.01 -4.10 3.89
C PRO A 95 -15.40 -2.84 4.51
N GLN A 96 -16.04 -1.68 4.34
CA GLN A 96 -15.48 -0.41 4.82
C GLN A 96 -15.30 -0.41 6.33
N GLN A 97 -14.25 0.26 6.81
CA GLN A 97 -13.96 0.43 8.23
C GLN A 97 -14.22 1.90 8.55
N THR A 98 -14.98 2.18 9.60
CA THR A 98 -15.30 3.55 10.00
C THR A 98 -14.88 3.83 11.45
N GLY A 99 -14.67 5.10 11.75
CA GLY A 99 -14.29 5.51 13.10
C GLY A 99 -14.29 7.01 13.25
N ASP A 100 -14.71 7.51 14.41
CA ASP A 100 -14.70 8.96 14.65
C ASP A 100 -13.24 9.36 14.84
N ARG A 101 -12.78 10.39 14.11
CA ARG A 101 -11.40 10.82 14.21
C ARG A 101 -11.24 12.30 13.93
N ALA A 102 -10.52 13.01 14.80
CA ALA A 102 -10.25 14.45 14.68
C ALA A 102 -11.50 15.27 14.33
N GLY A 103 -12.62 14.95 14.97
CA GLY A 103 -13.89 15.62 14.75
C GLY A 103 -14.75 15.13 13.60
N ILE A 104 -14.26 14.18 12.79
CA ILE A 104 -15.04 13.64 11.67
C ILE A 104 -15.71 12.36 12.16
N LYS A 105 -17.04 12.41 12.32
CA LYS A 105 -17.81 11.27 12.76
C LYS A 105 -17.82 10.27 11.62
N ASP A 106 -17.45 9.01 11.93
CA ASP A 106 -17.39 7.92 10.98
C ASP A 106 -16.58 8.23 9.72
N ARG A 107 -15.28 8.51 9.92
CA ARG A 107 -14.33 8.69 8.82
C ARG A 107 -14.13 7.29 8.22
N VAL A 108 -14.07 7.17 6.89
CA VAL A 108 -13.98 5.86 6.25
C VAL A 108 -12.57 5.48 5.76
N TYR A 109 -12.13 4.28 6.15
CA TYR A 109 -10.87 3.67 5.74
C TYR A 109 -11.26 2.52 4.82
N SER A 110 -11.15 2.76 3.50
CA SER A 110 -11.52 1.80 2.46
C SER A 110 -10.25 1.22 1.82
N ASN A 111 -10.31 -0.08 1.47
CA ASN A 111 -9.21 -0.82 0.85
C ASN A 111 -9.73 -1.63 -0.33
N SER A 112 -8.92 -1.72 -1.42
CA SER A 112 -9.27 -2.42 -2.66
C SER A 112 -8.51 -3.73 -2.85
N ILE A 113 -9.21 -4.74 -3.41
CA ILE A 113 -8.71 -6.07 -3.70
C ILE A 113 -8.40 -6.10 -5.21
N TYR A 114 -7.22 -6.64 -5.59
CA TYR A 114 -6.80 -6.71 -6.98
C TYR A 114 -6.44 -8.13 -7.41
N GLU A 115 -6.61 -8.45 -8.70
CA GLU A 115 -6.21 -9.73 -9.26
C GLU A 115 -4.85 -9.55 -9.96
N LEU A 116 -3.97 -10.54 -9.85
CA LEU A 116 -2.64 -10.50 -10.44
C LEU A 116 -2.59 -11.58 -11.51
N LEU A 117 -2.69 -11.18 -12.77
CA LEU A 117 -2.74 -12.11 -13.89
C LEU A 117 -1.34 -12.55 -14.31
N GLU A 118 -1.19 -13.83 -14.63
CA GLU A 118 0.07 -14.40 -15.13
C GLU A 118 -0.31 -15.33 -16.27
N ASN A 119 0.20 -15.06 -17.48
CA ASN A 119 -0.14 -15.80 -18.70
C ASN A 119 -1.67 -15.74 -18.95
N GLY A 120 -2.26 -14.56 -18.73
CA GLY A 120 -3.69 -14.36 -18.89
C GLY A 120 -4.56 -15.23 -18.01
N GLN A 121 -4.22 -15.32 -16.71
CA GLN A 121 -4.97 -16.15 -15.76
C GLN A 121 -4.72 -15.66 -14.33
N ARG A 122 -5.77 -15.63 -13.49
CA ARG A 122 -5.69 -15.17 -12.10
C ARG A 122 -4.72 -16.03 -11.30
N ALA A 123 -3.53 -15.48 -10.99
CA ALA A 123 -2.49 -16.19 -10.21
C ALA A 123 -2.54 -15.87 -8.70
N GLY A 124 -3.22 -14.79 -8.32
CA GLY A 124 -3.34 -14.42 -6.91
C GLY A 124 -4.18 -13.18 -6.72
N THR A 125 -4.82 -13.04 -5.55
CA THR A 125 -5.65 -11.88 -5.21
C THR A 125 -5.23 -11.36 -3.84
N CYS A 126 -5.05 -10.05 -3.71
CA CYS A 126 -4.60 -9.44 -2.45
C CYS A 126 -5.10 -8.01 -2.31
N VAL A 127 -5.02 -7.48 -1.08
CA VAL A 127 -5.39 -6.10 -0.77
C VAL A 127 -4.13 -5.32 -1.15
N LEU A 128 -4.19 -4.46 -2.18
CA LEU A 128 -3.01 -3.77 -2.69
C LEU A 128 -3.25 -2.27 -2.92
N GLU A 129 -2.23 -1.46 -2.61
CA GLU A 129 -2.28 -0.01 -2.76
C GLU A 129 -0.88 0.60 -2.65
N TYR A 130 -0.69 1.82 -3.14
CA TYR A 130 0.57 2.55 -2.99
C TYR A 130 0.62 3.24 -1.62
N ALA A 131 1.82 3.56 -1.12
CA ALA A 131 1.95 4.35 0.10
C ALA A 131 1.69 5.78 -0.38
N THR A 132 0.57 6.37 0.04
CA THR A 132 0.17 7.71 -0.43
C THR A 132 1.21 8.81 -0.10
N PRO A 133 1.95 8.77 1.05
CA PRO A 133 2.97 9.81 1.29
C PRO A 133 4.06 9.98 0.22
N LEU A 134 4.27 8.96 -0.64
CA LEU A 134 5.26 9.06 -1.72
C LEU A 134 4.71 9.96 -2.84
N GLN A 135 3.38 9.91 -3.10
CA GLN A 135 2.74 10.79 -4.06
C GLN A 135 2.88 12.26 -3.57
N THR A 136 2.70 12.47 -2.26
CA THR A 136 2.91 13.77 -1.59
C THR A 136 4.36 14.27 -1.77
N LEU A 137 5.38 13.40 -1.55
CA LEU A 137 6.79 13.78 -1.75
C LEU A 137 7.04 14.21 -3.21
N PHE A 138 6.44 13.51 -4.21
CA PHE A 138 6.58 13.85 -5.62
C PHE A 138 6.03 15.27 -5.85
N ALA A 139 4.80 15.51 -5.40
CA ALA A 139 4.15 16.81 -5.51
C ALA A 139 4.96 17.92 -4.84
N MET A 140 5.53 17.66 -3.65
CA MET A 140 6.38 18.66 -2.96
C MET A 140 7.55 19.09 -3.81
N SER A 141 8.19 18.17 -4.54
CA SER A 141 9.31 18.53 -5.42
C SER A 141 8.88 19.42 -6.60
N GLN A 142 7.57 19.42 -6.96
CA GLN A 142 7.05 20.23 -8.06
C GLN A 142 6.67 21.65 -7.63
N TYR A 143 6.35 21.89 -6.34
CA TYR A 143 5.99 23.22 -5.86
C TYR A 143 7.21 24.01 -5.39
N SER A 144 7.40 25.24 -5.90
CA SER A 144 8.53 26.10 -5.54
C SER A 144 8.48 26.56 -4.09
N GLN A 145 7.28 26.86 -3.58
CA GLN A 145 7.10 27.31 -2.20
C GLN A 145 7.57 26.23 -1.18
N ALA A 146 7.53 24.93 -1.55
CA ALA A 146 7.98 23.86 -0.67
C ALA A 146 9.50 23.89 -0.44
N GLY A 147 10.27 24.24 -1.46
CA GLY A 147 11.73 24.28 -1.36
C GLY A 147 12.33 22.89 -1.21
N PHE A 148 11.92 21.97 -2.09
CA PHE A 148 12.33 20.57 -2.08
C PHE A 148 12.71 20.18 -3.51
N SER A 149 13.98 19.87 -3.77
CA SER A 149 14.44 19.53 -5.13
C SER A 149 14.14 18.06 -5.50
N ARG A 150 14.20 17.73 -6.80
CA ARG A 150 13.94 16.34 -7.25
C ARG A 150 15.12 15.41 -6.95
N GLU A 151 16.35 15.94 -6.74
CA GLU A 151 17.49 15.11 -6.34
C GLU A 151 17.27 14.60 -4.90
N ASP A 152 16.76 15.49 -4.02
CA ASP A 152 16.44 15.15 -2.63
C ASP A 152 15.23 14.18 -2.51
N ARG A 153 14.43 14.02 -3.57
CA ARG A 153 13.24 13.18 -3.55
C ARG A 153 13.58 11.69 -3.52
N LEU A 154 14.64 11.26 -4.21
CA LEU A 154 15.04 9.86 -4.24
C LEU A 154 15.49 9.38 -2.87
N GLU A 155 16.34 10.17 -2.18
CA GLU A 155 16.81 9.82 -0.84
C GLU A 155 15.67 9.87 0.17
N GLN A 156 14.71 10.80 -0.01
CA GLN A 156 13.56 10.91 0.88
C GLN A 156 12.64 9.71 0.71
N ALA A 157 12.46 9.22 -0.52
CA ALA A 157 11.64 8.02 -0.76
C ALA A 157 12.26 6.80 -0.02
N LYS A 158 13.61 6.68 -0.05
CA LYS A 158 14.34 5.60 0.62
C LYS A 158 14.26 5.75 2.14
N LEU A 159 14.41 6.98 2.64
CA LEU A 159 14.33 7.30 4.07
C LEU A 159 12.93 6.94 4.60
N PHE A 160 11.88 7.26 3.83
CA PHE A 160 10.50 6.92 4.21
C PHE A 160 10.34 5.40 4.36
N CYS A 161 10.86 4.63 3.41
CA CYS A 161 10.75 3.17 3.45
C CYS A 161 11.54 2.60 4.61
N ARG A 162 12.77 3.11 4.86
CA ARG A 162 13.60 2.63 5.98
C ARG A 162 12.93 2.92 7.30
N THR A 163 12.40 4.14 7.49
CA THR A 163 11.74 4.53 8.73
C THR A 163 10.49 3.68 8.96
N LEU A 164 9.65 3.50 7.93
CA LEU A 164 8.43 2.67 8.04
C LEU A 164 8.80 1.20 8.33
N GLU A 165 9.88 0.69 7.70
CA GLU A 165 10.39 -0.66 7.91
C GLU A 165 10.82 -0.82 9.36
N ASP A 166 11.53 0.19 9.92
CA ASP A 166 11.97 0.15 11.32
C ASP A 166 10.77 0.19 12.26
N ILE A 167 9.79 1.06 11.98
CA ILE A 167 8.60 1.17 12.83
C ILE A 167 7.85 -0.18 12.87
N LEU A 168 7.53 -0.74 11.69
CA LEU A 168 6.79 -2.00 11.57
C LEU A 168 7.52 -3.21 12.14
N ALA A 169 8.86 -3.22 12.15
CA ALA A 169 9.61 -4.36 12.70
C ALA A 169 9.40 -4.52 14.22
N ASP A 170 9.15 -3.39 14.93
CA ASP A 170 8.93 -3.38 16.38
C ASP A 170 7.51 -2.86 16.72
N ALA A 171 6.53 -3.00 15.82
CA ALA A 171 5.16 -2.52 16.03
C ALA A 171 4.24 -3.67 16.48
N PRO A 172 3.39 -3.50 17.53
CA PRO A 172 2.50 -4.60 17.92
C PRO A 172 1.34 -4.83 16.95
N GLU A 173 0.96 -3.80 16.16
CA GLU A 173 -0.10 -3.92 15.17
C GLU A 173 0.38 -4.77 13.97
N SER A 174 1.69 -4.66 13.62
CA SER A 174 2.29 -5.46 12.57
C SER A 174 2.55 -6.87 13.11
N GLN A 175 1.59 -7.78 12.89
CA GLN A 175 1.70 -9.17 13.30
C GLN A 175 1.22 -10.01 12.12
N ASN A 176 2.14 -10.25 11.15
CA ASN A 176 1.90 -11.00 9.92
C ASN A 176 0.65 -10.50 9.15
N ASN A 177 0.48 -9.17 9.06
CA ASN A 177 -0.68 -8.59 8.37
C ASN A 177 -0.33 -7.36 7.51
N CYS A 178 0.93 -7.29 7.03
CA CYS A 178 1.41 -6.18 6.21
C CYS A 178 2.70 -6.56 5.48
N ARG A 179 2.85 -6.15 4.21
CA ARG A 179 4.06 -6.42 3.42
C ARG A 179 4.46 -5.21 2.58
N LEU A 180 5.71 -4.74 2.76
CA LEU A 180 6.24 -3.60 2.04
C LEU A 180 6.90 -4.07 0.75
N ILE A 181 6.63 -3.39 -0.39
CA ILE A 181 7.21 -3.76 -1.68
C ILE A 181 7.90 -2.54 -2.30
N ALA A 182 9.20 -2.38 -2.06
CA ALA A 182 10.00 -1.31 -2.65
C ALA A 182 10.61 -1.77 -3.97
N TYR A 183 10.70 -0.85 -4.93
CA TYR A 183 11.22 -1.16 -6.27
C TYR A 183 11.64 0.12 -7.01
N GLN A 184 12.51 -0.03 -8.01
CA GLN A 184 13.00 1.09 -8.82
C GLN A 184 12.97 0.64 -10.28
N GLU A 185 12.35 1.44 -11.17
CA GLU A 185 12.26 1.10 -12.59
C GLU A 185 13.52 1.60 -13.32
N PRO A 186 14.11 0.82 -14.26
CA PRO A 186 15.31 1.30 -14.95
C PRO A 186 15.02 2.35 -16.03
N SER A 191 12.43 -4.88 -18.93
CA SER A 191 11.06 -4.40 -18.74
C SER A 191 10.57 -4.79 -17.36
N PHE A 192 10.32 -3.81 -16.48
CA PHE A 192 9.86 -4.09 -15.13
C PHE A 192 8.37 -4.47 -15.10
N SER A 193 8.05 -5.73 -14.75
CA SER A 193 6.67 -6.17 -14.62
C SER A 193 6.27 -6.02 -13.15
N LEU A 194 5.38 -5.07 -12.85
CA LEU A 194 4.94 -4.83 -11.47
C LEU A 194 4.17 -6.03 -10.93
N SER A 195 3.32 -6.66 -11.75
CA SER A 195 2.55 -7.84 -11.33
C SER A 195 3.47 -8.98 -10.87
N GLN A 196 4.63 -9.18 -11.53
CA GLN A 196 5.58 -10.23 -11.15
C GLN A 196 6.28 -9.88 -9.83
N GLU A 197 6.56 -8.59 -9.60
CA GLU A 197 7.16 -8.11 -8.36
C GLU A 197 6.21 -8.38 -7.17
N VAL A 198 4.88 -8.22 -7.37
CA VAL A 198 3.89 -8.47 -6.33
C VAL A 198 3.71 -9.99 -6.13
N LEU A 199 3.61 -10.75 -7.24
CA LEU A 199 3.47 -12.22 -7.17
C LEU A 199 4.68 -12.89 -6.51
N ARG A 200 5.88 -12.29 -6.60
CA ARG A 200 7.07 -12.83 -5.96
C ARG A 200 6.92 -12.76 -4.43
N HIS A 201 6.48 -11.60 -3.89
CA HIS A 201 6.25 -11.42 -2.46
C HIS A 201 5.06 -12.25 -1.98
N LEU A 202 4.01 -12.34 -2.80
CA LEU A 202 2.79 -13.09 -2.46
C LEU A 202 3.06 -14.59 -2.36
N ARG A 203 3.85 -15.15 -3.28
CA ARG A 203 4.19 -16.59 -3.26
C ARG A 203 5.21 -16.95 -2.17
N GLN A 204 5.94 -15.96 -1.61
CA GLN A 204 6.92 -16.22 -0.55
C GLN A 204 6.25 -16.60 0.80
N GLU A 205 4.91 -16.42 0.95
CA GLU A 205 4.21 -16.75 2.18
C GLU A 205 4.03 -18.27 2.30
C4 W78 B . -2.24 8.64 5.69
C13 W78 B . -6.28 6.35 4.00
C21 W78 B . -3.49 14.11 5.72
C22 W78 B . -4.11 13.16 6.73
C24 W78 B . -5.76 14.68 6.04
C28 W78 B . -6.56 13.12 4.22
C1 W78 B . -1.04 9.64 7.43
C11 W78 B . -4.12 7.33 4.60
C12 W78 B . -5.49 7.21 4.84
C16 W78 B . -3.55 6.59 3.51
C18 W78 B . -1.64 10.34 8.62
C2 W78 B . -0.83 10.48 6.17
C23 W78 B . -5.24 13.99 7.30
C3 W78 B . -2.07 10.13 5.36
C30 W78 B . -8.01 13.57 5.80
C31 W78 B . -8.55 12.71 4.86
C32 W78 B . -9.88 12.30 5.06
C34 W78 B . -9.86 13.60 6.98
C37 W78 B . -2.73 13.46 4.60
C9 W78 B . -4.73 8.57 6.30
F44 W78 B . -4.83 14.94 8.23
N10 W78 B . -5.85 8.01 5.92
N14 W78 B . -5.58 5.72 3.03
N15 W78 B . -4.25 5.81 2.75
N27 W78 B . -6.74 13.87 5.35
N29 W78 B . -7.63 12.43 3.86
N33 W78 B . -10.52 12.77 6.16
N35 W78 B . -8.61 14.05 6.89
N36 W78 B . -10.55 11.48 4.24
N8 W78 B . -3.63 8.18 5.57
O17 W78 B . -7.50 6.16 4.13
O19 W78 B . -3.07 10.40 8.53
O25 W78 B . -4.64 14.84 5.20
O26 W78 B . -3.24 12.80 7.83
O38 W78 B . -3.51 12.36 4.06
O40 W78 B . -3.98 10.26 2.67
O41 W78 B . -5.26 11.60 8.93
O5 W78 B . -1.84 8.50 7.04
O6 W78 B . -1.86 10.32 3.96
O7 W78 B . 0.35 10.08 5.49
P20 W78 B . -3.80 11.77 9.00
P39 W78 B . -2.94 11.19 3.07
S42 W78 B . -1.87 12.06 1.75
S43 W78 B . -2.87 12.40 10.56
H48 W78 B . -1.63 7.99 5.08
H55 W78 B . -2.85 14.84 6.22
H56 W78 B . -4.47 12.25 6.25
H58 W78 B . -6.20 15.66 6.22
H59 W78 B . -5.64 13.13 3.63
H45 W78 B . -0.09 9.24 7.77
H52 W78 B . -2.48 6.65 3.29
H53 W78 B . -1.28 11.37 8.67
H54 W78 B . -1.33 9.84 9.54
H46 W78 B . -0.77 11.55 6.40
H57 W78 B . -6.00 13.40 7.80
H47 W78 B . -2.95 10.68 5.67
H60 W78 B . -10.43 13.93 7.85
H64 W78 B . -2.51 14.16 3.79
H63 W78 B . -1.78 13.05 4.92
H50 W78 B . -4.64 9.26 7.15
H51 W78 B . -6.05 5.09 2.38
H61 W78 B . -10.09 11.11 3.42
H62 W78 B . -11.50 11.20 4.44
H49 W78 B . 0.32 9.09 5.43
#